data_1L9L
#
_entry.id   1L9L
#
_cell.length_a   23.265
_cell.length_b   60.436
_cell.length_c   23.591
_cell.angle_alpha   90.00
_cell.angle_beta   90.99
_cell.angle_gamma   90.00
#
_symmetry.space_group_name_H-M   'P 1 21 1'
#
loop_
_entity.id
_entity.type
_entity.pdbx_description
1 polymer Granulysin
2 non-polymer 'SULFATE ION'
3 non-polymer '3[N-MORPHOLINO]PROPANE SULFONIC ACID'
4 non-polymer ETHANOL
5 water water
#
_entity_poly.entity_id   1
_entity_poly.type   'polypeptide(L)'
_entity_poly.pdbx_seq_one_letter_code
;GRDYRTCLTIVQKLKKMVDKPTQRSVSNAATRVCRTGRSRWRDVCRNFMRRYQSRVIQGLVAGETAQQICEDLR
;
_entity_poly.pdbx_strand_id   A
#
# COMPACT_ATOMS: atom_id res chain seq x y z
N GLY A 1 -10.05 -9.89 -8.82
CA GLY A 1 -8.62 -10.00 -9.09
C GLY A 1 -7.75 -8.81 -9.11
N ARG A 2 -8.41 -7.63 -9.25
CA ARG A 2 -7.58 -6.42 -9.29
C ARG A 2 -6.90 -6.18 -7.97
N ASP A 3 -7.48 -6.66 -6.84
CA ASP A 3 -6.91 -6.29 -5.54
C ASP A 3 -5.44 -6.68 -5.42
N TYR A 4 -5.05 -7.84 -5.87
CA TYR A 4 -3.65 -8.23 -5.76
C TYR A 4 -2.75 -7.25 -6.50
N ARG A 5 -3.15 -6.84 -7.74
CA ARG A 5 -2.34 -5.91 -8.47
C ARG A 5 -2.23 -4.53 -7.84
N THR A 6 -3.36 -4.04 -7.33
CA THR A 6 -3.37 -2.78 -6.63
C THR A 6 -2.43 -2.86 -5.47
N CYS A 7 -2.53 -3.98 -4.72
CA CYS A 7 -1.66 -4.18 -3.54
C CYS A 7 -0.17 -4.09 -3.92
N LEU A 8 0.23 -4.79 -4.97
CA LEU A 8 1.64 -4.76 -5.31
C LEU A 8 2.12 -3.35 -5.69
N THR A 9 1.29 -2.63 -6.46
CA THR A 9 1.66 -1.27 -6.86
C THR A 9 1.80 -0.34 -5.65
N ILE A 10 0.81 -0.42 -4.72
CA ILE A 10 0.88 0.41 -3.56
C ILE A 10 2.08 0.11 -2.67
N VAL A 11 2.38 -1.20 -2.46
CA VAL A 11 3.56 -1.54 -1.66
C VAL A 11 4.80 -0.85 -2.21
N GLN A 12 5.00 -1.02 -3.52
CA GLN A 12 6.17 -0.42 -4.20
C GLN A 12 6.22 1.09 -4.03
N LYS A 13 5.05 1.74 -4.21
CA LYS A 13 5.03 3.19 -4.07
C LYS A 13 5.41 3.58 -2.63
N LEU A 14 4.82 2.90 -1.64
CA LEU A 14 5.08 3.27 -0.24
C LEU A 14 6.52 3.03 0.16
N LYS A 15 7.17 2.00 -0.38
CA LYS A 15 8.56 1.75 0.02
C LYS A 15 9.48 2.90 -0.45
N LYS A 16 9.12 3.64 -1.50
CA LYS A 16 9.95 4.78 -1.95
C LYS A 16 9.59 6.08 -1.27
N MET A 17 8.39 6.13 -0.68
CA MET A 17 7.92 7.33 -0.04
C MET A 17 8.48 7.48 1.37
N VAL A 18 8.81 6.39 1.99
CA VAL A 18 9.30 6.45 3.33
C VAL A 18 10.79 6.12 3.31
N ASP A 19 11.43 6.52 4.38
CA ASP A 19 12.81 6.05 4.52
C ASP A 19 12.83 4.74 5.33
N LYS A 20 12.95 4.79 6.66
CA LYS A 20 12.76 3.64 7.54
C LYS A 20 11.26 3.34 7.68
N PRO A 21 10.79 2.12 7.39
CA PRO A 21 9.34 1.79 7.49
C PRO A 21 8.94 1.53 8.93
N THR A 22 8.25 2.47 9.55
CA THR A 22 7.76 2.27 10.89
C THR A 22 6.28 2.51 10.90
N GLN A 23 5.61 2.16 12.03
CA GLN A 23 4.16 2.42 12.07
C GLN A 23 3.84 3.85 11.69
N ARG A 24 4.55 4.83 12.22
CA ARG A 24 4.28 6.22 11.90
C ARG A 24 4.64 6.60 10.46
N SER A 25 5.81 6.28 9.97
CA SER A 25 6.25 6.73 8.68
C SER A 25 5.36 6.13 7.57
N VAL A 26 5.09 4.82 7.70
CA VAL A 26 4.27 4.13 6.71
C VAL A 26 2.83 4.63 6.73
N SER A 27 2.28 4.81 7.95
CA SER A 27 0.92 5.27 8.03
C SER A 27 0.78 6.68 7.40
N ASN A 28 1.77 7.56 7.66
CA ASN A 28 1.71 8.91 7.07
C ASN A 28 1.78 8.85 5.54
N ALA A 29 2.66 8.01 5.02
CA ALA A 29 2.74 7.86 3.57
C ALA A 29 1.46 7.30 2.98
N ALA A 30 0.82 6.40 3.75
CA ALA A 30 -0.43 5.75 3.31
C ALA A 30 -1.61 6.69 3.19
N THR A 31 -1.64 7.78 3.93
CA THR A 31 -2.67 8.78 3.74
C THR A 31 -2.42 9.62 2.46
N ARG A 32 -1.21 9.63 1.88
CA ARG A 32 -0.88 10.43 0.70
C ARG A 32 -0.86 9.63 -0.58
N VAL A 33 -0.59 8.33 -0.51
CA VAL A 33 -0.29 7.62 -1.76
C VAL A 33 -1.38 7.68 -2.79
N CYS A 34 -2.63 7.62 -2.40
CA CYS A 34 -3.73 7.57 -3.38
C CYS A 34 -4.09 8.93 -3.99
N ARG A 35 -3.39 10.00 -3.60
CA ARG A 35 -3.65 11.32 -4.15
C ARG A 35 -2.80 11.66 -5.39
N THR A 36 -1.93 10.75 -5.80
CA THR A 36 -1.07 10.93 -6.95
C THR A 36 -1.58 10.03 -8.08
N GLY A 37 -1.90 10.62 -9.24
CA GLY A 37 -2.43 9.94 -10.38
C GLY A 37 -3.65 10.58 -10.99
N ARG A 38 -4.13 9.99 -12.09
CA ARG A 38 -5.43 10.37 -12.68
C ARG A 38 -6.56 9.77 -11.84
N SER A 39 -7.78 10.23 -12.14
CA SER A 39 -8.91 9.86 -11.27
C SER A 39 -9.18 8.39 -11.13
N ARG A 40 -9.08 7.62 -12.20
CA ARG A 40 -9.34 6.18 -12.08
C ARG A 40 -8.41 5.56 -11.04
N TRP A 41 -7.10 5.79 -11.15
CA TRP A 41 -6.15 5.19 -10.18
C TRP A 41 -6.41 5.73 -8.78
N ARG A 42 -6.65 7.02 -8.63
CA ARG A 42 -6.90 7.54 -7.30
C ARG A 42 -8.05 6.77 -6.64
N ASP A 43 -9.11 6.49 -7.40
CA ASP A 43 -10.29 5.77 -6.89
C ASP A 43 -9.96 4.33 -6.50
N VAL A 44 -9.35 3.61 -7.45
CA VAL A 44 -8.97 2.25 -7.17
C VAL A 44 -8.09 2.13 -5.93
N CYS A 45 -7.09 3.04 -5.83
CA CYS A 45 -6.16 3.06 -4.70
C CYS A 45 -6.91 3.31 -3.40
N ARG A 46 -7.75 4.35 -3.41
CA ARG A 46 -8.45 4.73 -2.21
C ARG A 46 -9.32 3.59 -1.70
N ASN A 47 -10.06 2.98 -2.61
CA ASN A 47 -11.00 1.89 -2.22
C ASN A 47 -10.28 0.71 -1.65
N PHE A 48 -9.11 0.39 -2.25
CA PHE A 48 -8.24 -0.67 -1.75
C PHE A 48 -7.77 -0.36 -0.33
N MET A 49 -7.21 0.86 -0.16
CA MET A 49 -6.66 1.14 1.17
C MET A 49 -7.74 1.10 2.23
N ARG A 50 -8.93 1.54 1.92
CA ARG A 50 -10.01 1.50 2.90
C ARG A 50 -10.29 0.06 3.42
N ARG A 51 -10.14 -0.91 2.51
CA ARG A 51 -10.33 -2.31 2.87
C ARG A 51 -9.11 -2.95 3.57
N TYR A 52 -7.91 -2.62 3.06
CA TYR A 52 -6.71 -3.42 3.33
C TYR A 52 -5.58 -2.70 4.03
N GLN A 53 -5.69 -1.43 4.32
CA GLN A 53 -4.56 -0.64 4.84
C GLN A 53 -3.86 -1.31 6.03
N SER A 54 -4.63 -1.94 6.97
CA SER A 54 -4.00 -2.47 8.17
C SER A 54 -2.94 -3.51 7.80
N ARG A 55 -3.28 -4.36 6.89
CA ARG A 55 -2.39 -5.43 6.50
C ARG A 55 -1.17 -4.90 5.71
N VAL A 56 -1.35 -3.90 4.85
CA VAL A 56 -0.26 -3.27 4.12
C VAL A 56 0.74 -2.62 5.07
N ILE A 57 0.23 -1.84 6.02
CA ILE A 57 1.10 -1.17 6.97
C ILE A 57 1.88 -2.22 7.81
N GLN A 58 1.17 -3.25 8.32
CA GLN A 58 1.77 -4.32 9.10
C GLN A 58 2.91 -4.95 8.33
N GLY A 59 2.65 -5.23 7.06
CA GLY A 59 3.65 -5.88 6.22
C GLY A 59 4.88 -5.01 5.99
N LEU A 60 4.70 -3.74 5.72
CA LEU A 60 5.85 -2.85 5.51
C LEU A 60 6.71 -2.76 6.79
N VAL A 61 6.03 -2.62 7.93
CA VAL A 61 6.75 -2.55 9.20
C VAL A 61 7.54 -3.81 9.50
N ALA A 62 6.99 -4.96 9.06
CA ALA A 62 7.65 -6.26 9.22
C ALA A 62 8.77 -6.46 8.22
N GLY A 63 8.99 -5.61 7.24
CA GLY A 63 9.99 -5.77 6.21
C GLY A 63 9.68 -6.88 5.26
N GLU A 64 8.39 -7.17 5.04
CA GLU A 64 7.95 -8.18 4.11
C GLU A 64 8.21 -7.72 2.64
N THR A 65 8.39 -8.72 1.78
CA THR A 65 8.40 -8.42 0.34
C THR A 65 6.99 -8.04 -0.10
N ALA A 66 6.86 -7.38 -1.26
CA ALA A 66 5.51 -7.08 -1.78
C ALA A 66 4.66 -8.35 -1.91
N GLN A 67 5.24 -9.43 -2.42
CA GLN A 67 4.46 -10.65 -2.56
C GLN A 67 3.98 -11.20 -1.23
N GLN A 68 4.76 -11.17 -0.20
CA GLN A 68 4.41 -11.61 1.13
C GLN A 68 3.30 -10.75 1.67
N ILE A 69 3.38 -9.42 1.51
CA ILE A 69 2.32 -8.54 2.02
C ILE A 69 0.99 -8.91 1.36
N CYS A 70 1.04 -9.12 0.02
CA CYS A 70 -0.14 -9.21 -0.78
C CYS A 70 -0.69 -10.64 -0.99
N GLU A 71 -0.02 -11.63 -0.35
CA GLU A 71 -0.31 -13.04 -0.63
C GLU A 71 -1.74 -13.47 -0.45
N ASP A 72 -2.43 -12.97 0.57
CA ASP A 72 -3.81 -13.43 0.76
C ASP A 72 -4.71 -13.09 -0.40
N LEU A 73 -4.34 -12.12 -1.22
CA LEU A 73 -5.10 -11.67 -2.36
C LEU A 73 -4.74 -12.36 -3.66
N ARG A 74 -3.67 -13.11 -3.64
CA ARG A 74 -3.14 -13.67 -4.88
C ARG A 74 -4.13 -14.70 -5.41
#